data_2FZN
#
_entry.id   2FZN
#
_cell.length_a   73.115
_cell.length_b   143.221
_cell.length_c   145.124
_cell.angle_alpha   90.00
_cell.angle_beta   90.00
_cell.angle_gamma   90.00
#
_symmetry.space_group_name_H-M   'I 2 2 2'
#
loop_
_entity.id
_entity.type
_entity.pdbx_description
1 polymer 'Bifunctional protein putA, Proline dehydrogenase (EC 1.5.99.8) (Proline oxidase)'
2 non-polymer 'FLAVIN-ADENINE DINUCLEOTIDE'
3 non-polymer PROLINE
4 water water
#
_entity_poly.entity_id   1
_entity_poly.type   'polypeptide(L)'
_entity_poly.pdbx_seq_one_letter_code
;LPQSVSRAAITAAYRRPETEAVSMLLEQARLPQPVAEQAHKLAYQLADKLRNQKNASGRAGMVQGLLQEFSLSSQEGVAL
MCLAEALLRIPDKATRDALIRDKISNGNWQSHIGRSPSLFVNAATWGLLFTGKLVSTHNEASLSRSLNRIIGKSGEPLIR
KGVDMAMRLMGEQFVTGETIAEALANARKLEEKGFRYSYDMLGEAALTAADAQAYMVSYQQAIHAIGKASNGRGIYEGPG
ISIKLSALHPRYSRAQYDRVMEELYPRLKSLTLLARQYDIGINIDAEESDRLEISLDLLEKLCFEPELAGWNGIGFVIQA
YQKRCPLVIDYLIDLATRSRRRLMIRLVKGAYWDSEIKRAQMDGLEGYPVYTRKVYTDVSYLACAKKLLAVPNLIYPQFA
THNAHTLAAIYQLAGQNYYPGQYEFQCLHGMGEPLYEQVTGKVADGKLNRPCRIYAPVGTHETLLAYLVRRLLENGANTS
FVNRIADTSLPLDELVADPVTAVEKLAQQEGQTGLPHPKIPLPRDLYGHGRDNSAGLDLANEHRLASLSSALLNSALQKW
QALPMLEQPVAAGEMSPVINPAEPSSSVDKLAAALEHHHHHH
;
_entity_poly.pdbx_strand_id   A
#
# COMPACT_ATOMS: atom_id res chain seq x y z
CA GLN A 3 -29.23 -3.49 -1.68
C GLN A 3 -29.19 -2.61 -2.96
N SER A 4 -28.50 -1.47 -2.88
CA SER A 4 -28.47 -0.49 -3.97
C SER A 4 -27.84 -1.07 -5.23
N VAL A 5 -28.01 -0.39 -6.34
CA VAL A 5 -27.39 -0.80 -7.61
C VAL A 5 -25.86 -0.91 -7.42
N SER A 6 -25.22 0.11 -6.85
CA SER A 6 -23.78 0.04 -6.66
C SER A 6 -23.38 -1.13 -5.73
N ARG A 7 -24.07 -1.32 -4.59
CA ARG A 7 -23.79 -2.46 -3.68
C ARG A 7 -24.04 -3.87 -4.22
N ALA A 8 -25.13 -4.02 -4.95
CA ALA A 8 -25.46 -5.28 -5.60
C ALA A 8 -24.37 -5.65 -6.59
N ALA A 9 -23.87 -4.67 -7.33
CA ALA A 9 -22.85 -4.94 -8.33
C ALA A 9 -21.55 -5.46 -7.68
N ILE A 10 -21.23 -4.96 -6.48
CA ILE A 10 -20.09 -5.43 -5.71
C ILE A 10 -20.26 -6.91 -5.37
N THR A 11 -21.39 -7.22 -4.75
CA THR A 11 -21.71 -8.59 -4.34
C THR A 11 -21.56 -9.58 -5.51
N ALA A 12 -22.08 -9.21 -6.68
CA ALA A 12 -22.05 -10.06 -7.87
C ALA A 12 -20.67 -10.26 -8.53
N ALA A 13 -19.70 -9.41 -8.18
CA ALA A 13 -18.31 -9.52 -8.65
C ALA A 13 -17.40 -10.28 -7.70
N TYR A 14 -17.91 -10.64 -6.54
CA TYR A 14 -17.10 -11.23 -5.48
C TYR A 14 -16.01 -12.16 -6.00
N ARG A 15 -16.39 -13.13 -6.81
CA ARG A 15 -15.48 -14.16 -7.27
C ARG A 15 -15.65 -14.40 -8.75
N ARG A 16 -15.74 -13.34 -9.51
CA ARG A 16 -16.04 -13.51 -10.92
C ARG A 16 -14.85 -14.16 -11.62
N PRO A 17 -15.14 -15.01 -12.61
CA PRO A 17 -14.09 -15.71 -13.35
C PRO A 17 -13.01 -14.76 -13.81
N GLU A 18 -11.79 -15.23 -13.71
CA GLU A 18 -10.63 -14.40 -13.87
C GLU A 18 -10.45 -13.97 -15.33
N THR A 19 -10.76 -14.85 -16.28
CA THR A 19 -10.74 -14.48 -17.69
C THR A 19 -11.63 -13.25 -17.90
N GLU A 20 -12.78 -13.30 -17.24
CA GLU A 20 -13.83 -12.29 -17.38
C GLU A 20 -13.40 -10.99 -16.70
N ALA A 21 -12.96 -11.09 -15.47
CA ALA A 21 -12.55 -9.90 -14.74
C ALA A 21 -11.39 -9.17 -15.44
N VAL A 22 -10.37 -9.94 -15.83
CA VAL A 22 -9.19 -9.36 -16.43
C VAL A 22 -9.53 -8.75 -17.79
N SER A 23 -10.38 -9.43 -18.57
CA SER A 23 -10.79 -8.95 -19.89
C SER A 23 -11.52 -7.61 -19.76
N MET A 24 -12.28 -7.45 -18.69
CA MET A 24 -13.03 -6.20 -18.49
C MET A 24 -12.14 -5.03 -18.06
N LEU A 25 -11.04 -5.33 -17.37
CA LEU A 25 -10.13 -4.29 -16.86
C LEU A 25 -9.17 -3.79 -17.92
N LEU A 26 -8.98 -4.61 -18.95
CA LEU A 26 -7.83 -4.45 -19.84
C LEU A 26 -7.86 -3.08 -20.53
N GLU A 27 -8.97 -2.73 -21.17
CA GLU A 27 -9.04 -1.47 -21.90
C GLU A 27 -9.15 -0.29 -20.94
N GLN A 28 -9.71 -0.51 -19.75
CA GLN A 28 -9.70 0.52 -18.69
C GLN A 28 -8.30 0.81 -18.17
N ALA A 29 -7.39 -0.17 -18.23
CA ALA A 29 -6.03 0.00 -17.68
C ALA A 29 -4.99 0.48 -18.70
N ARG A 30 -5.29 0.28 -19.99
CA ARG A 30 -4.31 0.57 -21.06
C ARG A 30 -3.85 2.01 -21.06
N LEU A 31 -2.54 2.22 -20.99
CA LEU A 31 -2.00 3.57 -21.09
C LEU A 31 -1.92 3.94 -22.56
N PRO A 32 -2.54 5.04 -22.96
CA PRO A 32 -2.39 5.54 -24.33
C PRO A 32 -0.93 5.57 -24.76
N GLN A 33 -0.63 5.13 -25.97
CA GLN A 33 0.73 5.11 -26.55
C GLN A 33 1.75 6.12 -25.97
N PRO A 34 1.45 7.42 -26.12
CA PRO A 34 2.33 8.48 -25.59
C PRO A 34 2.58 8.38 -24.08
N VAL A 35 1.53 8.33 -23.26
CA VAL A 35 1.63 8.14 -21.82
C VAL A 35 2.40 6.85 -21.48
N ALA A 36 2.17 5.78 -22.23
CA ALA A 36 2.85 4.50 -21.96
C ALA A 36 4.37 4.63 -22.03
N GLU A 37 4.87 5.37 -23.02
CA GLU A 37 6.33 5.50 -23.22
C GLU A 37 6.97 6.47 -22.23
N GLN A 38 6.30 7.57 -21.90
CA GLN A 38 6.78 8.45 -20.83
C GLN A 38 6.82 7.72 -19.49
N ALA A 39 5.85 6.86 -19.23
CA ALA A 39 5.85 6.06 -18.00
C ALA A 39 7.01 5.06 -18.01
N HIS A 40 7.25 4.44 -19.15
CA HIS A 40 8.35 3.49 -19.29
C HIS A 40 9.68 4.19 -18.96
N LYS A 41 9.86 5.35 -19.57
CA LYS A 41 11.08 6.12 -19.41
C LYS A 41 11.32 6.54 -17.96
N LEU A 42 10.30 7.10 -17.30
CA LEU A 42 10.44 7.51 -15.90
C LEU A 42 10.68 6.32 -14.98
N ALA A 43 9.93 5.24 -15.20
CA ALA A 43 10.07 4.00 -14.42
C ALA A 43 11.48 3.43 -14.54
N TYR A 44 11.99 3.41 -15.77
CA TYR A 44 13.36 2.95 -16.03
C TYR A 44 14.38 3.77 -15.21
N GLN A 45 14.25 5.10 -15.22
CA GLN A 45 15.19 6.00 -14.56
C GLN A 45 15.14 5.83 -13.06
N LEU A 46 13.94 5.77 -12.50
CA LEU A 46 13.75 5.57 -11.07
C LEU A 46 14.36 4.24 -10.62
N ALA A 47 14.11 3.18 -11.38
CA ALA A 47 14.57 1.86 -11.02
C ALA A 47 16.11 1.80 -11.15
N ASP A 48 16.61 2.29 -12.28
CA ASP A 48 18.04 2.38 -12.55
C ASP A 48 18.76 3.08 -11.39
N LYS A 49 18.28 4.26 -10.98
CA LYS A 49 18.89 5.01 -9.88
C LYS A 49 18.83 4.25 -8.56
N LEU A 50 17.75 3.49 -8.35
CA LEU A 50 17.62 2.69 -7.13
C LEU A 50 18.67 1.57 -7.10
N ARG A 51 18.85 0.92 -8.24
CA ARG A 51 19.76 -0.19 -8.36
C ARG A 51 21.18 0.31 -8.16
N ASN A 52 21.55 1.27 -9.00
CA ASN A 52 22.88 1.82 -9.09
C ASN A 52 23.11 3.00 -8.14
N GLN A 53 22.72 2.83 -6.87
CA GLN A 53 22.74 3.93 -5.90
C GLN A 53 24.17 4.42 -5.66
N LYS A 54 25.03 3.53 -5.18
CA LYS A 54 26.44 3.87 -4.95
C LYS A 54 27.33 3.29 -6.05
N ASN A 55 26.88 3.43 -7.30
CA ASN A 55 27.54 2.82 -8.47
C ASN A 55 27.64 1.28 -8.41
N ALA A 56 26.59 0.63 -7.89
CA ALA A 56 26.56 -0.83 -7.74
C ALA A 56 26.37 -1.60 -9.07
N SER A 57 26.21 -0.86 -10.18
CA SER A 57 26.19 -1.44 -11.53
C SER A 57 27.56 -1.35 -12.21
N GLY A 58 28.07 -0.12 -12.33
CA GLY A 58 29.36 0.14 -12.96
C GLY A 58 30.56 -0.55 -12.33
N ARG A 59 30.42 -0.92 -11.04
CA ARG A 59 31.43 -1.72 -10.32
C ARG A 59 31.30 -3.21 -10.69
N ALA A 60 30.06 -3.69 -10.81
CA ALA A 60 29.76 -5.05 -11.26
C ALA A 60 30.47 -5.43 -12.57
N GLY A 61 30.58 -4.48 -13.48
CA GLY A 61 31.38 -4.67 -14.69
C GLY A 61 32.86 -4.72 -14.37
N GLY A 77 39.12 -13.93 -9.32
CA GLY A 77 39.00 -12.49 -9.14
C GLY A 77 39.33 -12.05 -7.73
N VAL A 78 38.57 -12.57 -6.75
CA VAL A 78 38.72 -12.23 -5.33
C VAL A 78 40.13 -12.47 -4.77
N ALA A 79 40.79 -13.53 -5.24
CA ALA A 79 42.16 -13.86 -4.81
C ALA A 79 43.17 -12.78 -5.22
N LEU A 80 43.06 -12.35 -6.48
CA LEU A 80 43.93 -11.31 -7.02
C LEU A 80 43.69 -9.96 -6.34
N MET A 81 42.44 -9.67 -5.96
CA MET A 81 42.09 -8.40 -5.31
C MET A 81 42.72 -8.30 -3.93
N CYS A 82 42.76 -9.42 -3.19
CA CYS A 82 43.39 -9.43 -1.86
C CYS A 82 44.89 -9.17 -1.91
N LEU A 83 45.54 -9.69 -2.96
CA LEU A 83 46.97 -9.49 -3.20
C LEU A 83 47.19 -8.03 -3.62
N ALA A 84 46.34 -7.54 -4.52
CA ALA A 84 46.38 -6.15 -4.97
C ALA A 84 46.11 -5.15 -3.82
N GLU A 85 45.28 -5.54 -2.87
CA GLU A 85 45.02 -4.76 -1.66
C GLU A 85 46.29 -4.68 -0.79
N ALA A 86 46.97 -5.82 -0.61
CA ALA A 86 48.17 -5.92 0.25
C ALA A 86 49.30 -5.07 -0.31
N LEU A 87 49.43 -5.06 -1.64
CA LEU A 87 50.47 -4.31 -2.32
C LEU A 87 50.22 -2.81 -2.20
N LEU A 88 48.95 -2.41 -2.27
CA LEU A 88 48.57 -1.02 -2.11
C LEU A 88 48.70 -0.49 -0.66
N ARG A 89 48.95 -1.37 0.32
CA ARG A 89 49.29 -0.93 1.69
C ARG A 89 50.81 -0.79 1.90
N ILE A 90 51.59 -1.10 0.88
CA ILE A 90 53.03 -0.80 0.89
C ILE A 90 53.17 0.68 0.57
N PRO A 91 53.64 1.47 1.52
CA PRO A 91 53.55 2.93 1.41
C PRO A 91 54.38 3.59 0.31
N ASP A 92 55.51 3.00 -0.06
CA ASP A 92 56.41 3.63 -1.04
C ASP A 92 56.36 2.85 -2.35
N LYS A 93 56.17 3.57 -3.45
CA LYS A 93 55.91 2.95 -4.75
C LYS A 93 57.10 2.10 -5.24
N ALA A 94 58.32 2.54 -4.91
CA ALA A 94 59.54 1.86 -5.32
C ALA A 94 59.54 0.47 -4.76
N THR A 95 59.47 0.38 -3.43
CA THR A 95 59.37 -0.90 -2.72
C THR A 95 58.27 -1.80 -3.33
N ARG A 96 57.10 -1.23 -3.65
CA ARG A 96 56.00 -1.99 -4.26
C ARG A 96 56.37 -2.55 -5.65
N ASP A 97 56.93 -1.70 -6.51
CA ASP A 97 57.40 -2.13 -7.85
C ASP A 97 58.48 -3.21 -7.75
N ALA A 98 59.48 -2.99 -6.89
CA ALA A 98 60.63 -3.90 -6.76
C ALA A 98 60.26 -5.28 -6.25
N LEU A 99 59.24 -5.35 -5.40
CA LEU A 99 58.74 -6.62 -4.89
C LEU A 99 57.73 -7.19 -5.88
N ILE A 159 12.72 -23.10 19.78
CA ILE A 159 11.87 -22.80 18.63
C ILE A 159 11.07 -21.52 18.91
N ARG A 160 10.42 -21.46 20.08
CA ARG A 160 9.58 -20.32 20.47
C ARG A 160 10.41 -19.03 20.66
N LYS A 161 11.59 -19.15 21.28
CA LYS A 161 12.45 -17.98 21.54
C LYS A 161 13.15 -17.50 20.26
N GLY A 162 13.64 -18.43 19.45
CA GLY A 162 14.35 -18.08 18.22
C GLY A 162 13.46 -17.35 17.22
N VAL A 163 12.18 -17.72 17.23
CA VAL A 163 11.16 -17.12 16.37
C VAL A 163 10.88 -15.70 16.84
N ASP A 164 10.68 -15.54 18.14
CA ASP A 164 10.46 -14.21 18.70
C ASP A 164 11.64 -13.27 18.37
N MET A 165 12.88 -13.74 18.56
CA MET A 165 14.08 -12.92 18.35
C MET A 165 14.32 -12.63 16.85
N ALA A 166 14.04 -13.60 16.00
CA ALA A 166 14.15 -13.41 14.56
C ALA A 166 13.17 -12.33 14.11
N MET A 167 11.97 -12.37 14.66
CA MET A 167 10.90 -11.45 14.31
C MET A 167 11.29 -10.02 14.68
N ARG A 168 11.84 -9.82 15.88
CA ARG A 168 12.14 -8.44 16.23
C ARG A 168 13.45 -7.91 15.56
N LEU A 169 14.36 -8.81 15.17
CA LEU A 169 15.56 -8.42 14.42
C LEU A 169 15.16 -7.94 13.03
N MET A 170 14.34 -8.73 12.33
CA MET A 170 13.93 -8.37 10.97
C MET A 170 12.92 -7.24 10.94
N GLY A 171 12.21 -7.07 12.06
CA GLY A 171 11.07 -6.17 12.16
C GLY A 171 11.42 -4.72 12.49
N GLU A 172 12.59 -4.47 13.09
CA GLU A 172 12.98 -3.12 13.50
C GLU A 172 12.99 -2.14 12.34
N GLN A 173 13.41 -2.60 11.16
CA GLN A 173 13.49 -1.75 9.97
C GLN A 173 12.08 -1.24 9.58
N PHE A 174 11.03 -1.95 9.99
CA PHE A 174 9.66 -1.60 9.61
C PHE A 174 8.91 -0.79 10.65
N VAL A 175 9.51 -0.59 11.82
CA VAL A 175 8.86 0.10 12.93
C VAL A 175 9.46 1.51 13.13
N THR A 176 8.64 2.55 13.09
CA THR A 176 9.16 3.90 13.29
C THR A 176 9.34 4.24 14.76
N GLY A 177 8.69 3.51 15.67
CA GLY A 177 8.84 3.80 17.10
C GLY A 177 8.05 2.92 18.07
N GLU A 178 8.51 2.86 19.32
CA GLU A 178 7.86 2.05 20.36
C GLU A 178 6.60 2.70 20.90
N THR A 179 6.64 4.03 20.98
CA THR A 179 5.54 4.87 21.49
C THR A 179 5.22 5.98 20.51
N ILE A 180 3.99 6.51 20.57
CA ILE A 180 3.58 7.50 19.58
C ILE A 180 4.46 8.76 19.73
N ALA A 181 4.82 9.11 20.96
CA ALA A 181 5.72 10.27 21.21
C ALA A 181 7.12 10.15 20.56
N GLU A 182 7.75 8.99 20.65
CA GLU A 182 9.01 8.74 19.94
C GLU A 182 8.86 8.75 18.38
N ALA A 183 7.74 8.25 17.89
CA ALA A 183 7.49 8.24 16.45
C ALA A 183 7.37 9.68 15.92
N LEU A 184 6.66 10.53 16.66
CA LEU A 184 6.45 11.91 16.22
C LEU A 184 7.74 12.76 16.29
N ALA A 185 8.58 12.49 17.29
CA ALA A 185 9.79 13.27 17.50
C ALA A 185 10.74 13.08 16.32
N ASN A 186 10.62 11.92 15.67
CA ASN A 186 11.43 11.51 14.53
C ASN A 186 10.77 11.92 13.15
N ALA A 187 9.73 12.75 13.19
CA ALA A 187 8.93 13.07 11.99
C ALA A 187 9.46 14.28 11.26
N ARG A 188 10.12 15.19 12.01
CA ARG A 188 10.61 16.44 11.45
C ARG A 188 11.46 16.20 10.20
N LYS A 189 12.38 15.24 10.29
CA LYS A 189 13.45 15.10 9.29
C LYS A 189 12.89 14.96 7.88
N LEU A 190 12.01 13.99 7.67
CA LEU A 190 11.43 13.81 6.34
C LEU A 190 10.25 14.76 6.04
N GLU A 191 9.51 15.18 7.06
CA GLU A 191 8.42 16.17 6.89
C GLU A 191 8.94 17.50 6.29
N GLU A 192 10.19 17.82 6.60
CA GLU A 192 10.77 19.06 6.11
C GLU A 192 11.18 18.94 4.65
N LYS A 193 11.49 17.71 4.24
CA LYS A 193 11.80 17.45 2.84
C LYS A 193 10.50 17.32 2.03
N GLY A 194 9.35 17.32 2.70
CA GLY A 194 8.07 17.24 2.02
C GLY A 194 7.28 15.94 2.21
N PHE A 195 7.81 15.01 3.00
CA PHE A 195 7.06 13.78 3.30
C PHE A 195 5.99 14.05 4.31
N ARG A 196 4.98 13.18 4.31
CA ARG A 196 3.94 13.17 5.32
C ARG A 196 3.92 11.79 6.01
N TYR A 197 3.07 11.64 7.04
CA TYR A 197 2.96 10.39 7.80
C TYR A 197 1.53 9.98 8.10
N SER A 198 1.30 8.66 8.13
CA SER A 198 0.09 8.07 8.70
C SER A 198 0.62 7.08 9.74
N TYR A 199 0.33 7.33 10.99
CA TYR A 199 0.81 6.48 12.07
C TYR A 199 -0.20 5.37 12.32
N ASP A 200 0.32 4.17 12.51
CA ASP A 200 -0.47 3.02 12.91
C ASP A 200 0.00 2.44 14.26
N MET A 201 -0.84 2.51 15.29
CA MET A 201 -0.58 1.76 16.52
C MET A 201 -0.74 0.27 16.26
N LEU A 202 0.39 -0.42 16.13
CA LEU A 202 0.41 -1.86 15.78
C LEU A 202 -0.51 -2.69 16.67
N GLY A 203 -1.19 -3.63 16.03
CA GLY A 203 -2.13 -4.50 16.70
C GLY A 203 -3.36 -4.77 15.86
N GLU A 204 -3.81 -6.02 15.89
CA GLU A 204 -4.98 -6.40 15.13
C GLU A 204 -5.60 -7.66 15.71
N ALA A 205 -6.76 -8.03 15.17
CA ALA A 205 -7.43 -9.26 15.53
C ALA A 205 -7.55 -9.42 17.05
N ALA A 206 -8.16 -8.42 17.70
CA ALA A 206 -8.49 -8.52 19.11
C ALA A 206 -9.31 -9.78 19.38
N LEU A 207 -8.87 -10.59 20.35
CA LEU A 207 -9.60 -11.82 20.72
C LEU A 207 -10.64 -11.61 21.80
N THR A 208 -10.39 -10.69 22.73
CA THR A 208 -11.29 -10.49 23.85
C THR A 208 -11.80 -9.06 23.95
N ALA A 209 -12.80 -8.87 24.79
CA ALA A 209 -13.31 -7.52 25.12
C ALA A 209 -12.20 -6.63 25.64
N ALA A 210 -11.37 -7.18 26.52
CA ALA A 210 -10.28 -6.41 27.10
C ALA A 210 -9.28 -5.99 26.02
N ASP A 211 -9.01 -6.86 25.04
CA ASP A 211 -8.04 -6.54 23.98
C ASP A 211 -8.51 -5.34 23.18
N ALA A 212 -9.79 -5.36 22.84
CA ALA A 212 -10.39 -4.39 21.96
C ALA A 212 -10.49 -3.03 22.62
N GLN A 213 -10.87 -3.05 23.90
CA GLN A 213 -10.90 -1.85 24.72
C GLN A 213 -9.50 -1.25 24.77
N ALA A 214 -8.48 -2.06 25.02
CA ALA A 214 -7.09 -1.57 25.07
C ALA A 214 -6.64 -0.97 23.70
N TYR A 215 -7.07 -1.56 22.59
CA TYR A 215 -6.75 -0.98 21.30
C TYR A 215 -7.45 0.37 21.17
N MET A 216 -8.70 0.45 21.59
CA MET A 216 -9.47 1.68 21.52
C MET A 216 -8.75 2.81 22.23
N VAL A 217 -8.18 2.51 23.40
CA VAL A 217 -7.47 3.48 24.22
C VAL A 217 -6.14 3.88 23.57
N SER A 218 -5.41 2.92 23.01
CA SER A 218 -4.16 3.25 22.34
C SER A 218 -4.43 4.16 21.08
N TYR A 219 -5.56 3.94 20.41
CA TYR A 219 -5.94 4.72 19.22
C TYR A 219 -6.29 6.17 19.61
N GLN A 220 -7.04 6.33 20.70
CA GLN A 220 -7.40 7.66 21.24
C GLN A 220 -6.17 8.47 21.64
N GLN A 221 -5.31 7.84 22.42
CA GLN A 221 -4.06 8.45 22.86
C GLN A 221 -3.23 8.87 21.66
N ALA A 222 -3.21 8.02 20.64
CA ALA A 222 -2.45 8.32 19.41
C ALA A 222 -3.04 9.55 18.72
N ILE A 223 -4.37 9.61 18.64
CA ILE A 223 -5.05 10.72 17.96
C ILE A 223 -4.77 12.04 18.68
N HIS A 224 -4.80 12.05 20.03
CA HIS A 224 -4.44 13.24 20.79
C HIS A 224 -3.00 13.67 20.44
N ALA A 225 -2.07 12.73 20.40
CA ALA A 225 -0.66 13.05 20.18
C ALA A 225 -0.38 13.55 18.76
N ILE A 226 -0.99 12.89 17.77
CA ILE A 226 -0.75 13.25 16.39
C ILE A 226 -1.45 14.57 16.12
N GLY A 227 -2.65 14.70 16.68
CA GLY A 227 -3.43 15.91 16.56
C GLY A 227 -2.74 17.13 17.09
N LYS A 228 -2.01 16.98 18.23
CA LYS A 228 -1.27 18.10 18.82
C LYS A 228 -0.02 18.41 18.01
N ALA A 229 0.64 17.39 17.47
CA ALA A 229 1.84 17.64 16.65
C ALA A 229 1.41 18.21 15.30
N SER A 230 0.25 17.83 14.77
CA SER A 230 -0.25 18.39 13.50
C SER A 230 -0.47 19.89 13.65
N ASN A 231 -1.05 20.29 14.78
CA ASN A 231 -1.15 21.70 15.13
C ASN A 231 -1.82 22.52 14.02
N GLY A 232 -2.90 21.99 13.44
CA GLY A 232 -3.67 22.71 12.46
C GLY A 232 -3.20 22.65 11.03
N ARG A 233 -2.14 21.89 10.73
CA ARG A 233 -1.64 21.72 9.36
C ARG A 233 -2.71 21.07 8.43
N GLY A 234 -3.65 20.38 9.02
CA GLY A 234 -4.82 19.84 8.30
C GLY A 234 -4.63 18.45 7.71
N ILE A 235 -5.66 17.97 7.00
CA ILE A 235 -5.70 16.58 6.54
C ILE A 235 -4.73 16.20 5.41
N TYR A 236 -4.33 17.16 4.60
CA TYR A 236 -3.46 16.89 3.48
C TYR A 236 -2.00 17.04 3.93
N GLU A 237 -1.64 18.21 4.44
CA GLU A 237 -0.23 18.48 4.75
C GLU A 237 0.18 17.88 6.09
N GLY A 238 -0.76 17.75 7.02
CA GLY A 238 -0.49 17.14 8.31
C GLY A 238 -0.59 15.62 8.44
N PRO A 239 -0.04 15.10 9.54
CA PRO A 239 -0.08 13.66 9.79
C PRO A 239 -1.49 13.14 10.04
N GLY A 240 -1.68 11.87 9.79
CA GLY A 240 -2.93 11.21 10.09
C GLY A 240 -2.70 9.92 10.85
N ILE A 241 -3.79 9.21 11.06
CA ILE A 241 -3.74 7.92 11.69
C ILE A 241 -4.42 6.89 10.81
N SER A 242 -3.97 5.65 10.94
CA SER A 242 -4.58 4.49 10.29
C SER A 242 -5.05 3.50 11.34
N ILE A 243 -6.25 2.97 11.19
CA ILE A 243 -6.80 2.06 12.16
C ILE A 243 -7.32 0.80 11.49
N LYS A 244 -7.37 -0.25 12.29
CA LYS A 244 -7.91 -1.55 11.90
C LYS A 244 -9.16 -1.85 12.69
N LEU A 245 -10.24 -2.07 11.96
CA LEU A 245 -11.51 -2.43 12.54
C LEU A 245 -11.42 -3.74 13.34
N SER A 246 -10.55 -4.66 12.91
CA SER A 246 -10.31 -5.91 13.64
C SER A 246 -9.76 -5.69 15.06
N ALA A 247 -9.09 -4.56 15.29
CA ALA A 247 -8.59 -4.21 16.61
C ALA A 247 -9.66 -3.72 17.56
N LEU A 248 -10.81 -3.31 17.03
CA LEU A 248 -11.81 -2.61 17.84
C LEU A 248 -13.01 -3.45 18.27
N HIS A 249 -13.08 -4.68 17.78
CA HIS A 249 -14.17 -5.59 18.05
C HIS A 249 -13.55 -6.97 18.26
N PRO A 250 -13.93 -7.64 19.36
CA PRO A 250 -13.37 -8.97 19.63
C PRO A 250 -13.86 -9.97 18.62
N ARG A 251 -12.99 -10.83 18.14
CA ARG A 251 -13.35 -11.89 17.21
C ARG A 251 -14.05 -11.33 15.99
N TYR A 252 -13.52 -10.21 15.50
CA TYR A 252 -14.04 -9.50 14.33
C TYR A 252 -14.17 -10.43 13.16
N SER A 253 -13.27 -11.40 13.02
CA SER A 253 -13.26 -12.26 11.85
C SER A 253 -14.60 -12.95 11.61
N ARG A 254 -15.34 -13.22 12.68
CA ARG A 254 -16.64 -13.92 12.56
C ARG A 254 -17.83 -13.13 13.09
N ALA A 255 -17.61 -11.86 13.48
CA ALA A 255 -18.68 -11.06 14.10
C ALA A 255 -19.81 -10.77 13.11
N GLN A 256 -21.03 -10.78 13.63
CA GLN A 256 -22.21 -10.62 12.80
C GLN A 256 -22.62 -9.14 12.76
N TYR A 257 -23.43 -8.79 11.76
CA TYR A 257 -23.81 -7.40 11.49
C TYR A 257 -24.28 -6.65 12.76
N ASP A 258 -25.30 -7.19 13.43
CA ASP A 258 -25.95 -6.50 14.54
C ASP A 258 -24.98 -6.15 15.68
N ARG A 259 -24.09 -7.08 16.02
CA ARG A 259 -23.16 -6.82 17.13
C ARG A 259 -22.07 -5.82 16.73
N VAL A 260 -21.67 -5.83 15.47
CA VAL A 260 -20.66 -4.88 14.96
C VAL A 260 -21.22 -3.47 15.02
N MET A 261 -22.45 -3.31 14.55
CA MET A 261 -23.13 -2.02 14.57
C MET A 261 -23.38 -1.51 15.98
N GLU A 262 -23.69 -2.40 16.92
CA GLU A 262 -23.96 -2.00 18.31
C GLU A 262 -22.66 -1.58 19.01
N GLU A 263 -21.56 -2.28 18.72
CA GLU A 263 -20.35 -2.19 19.52
C GLU A 263 -19.16 -1.57 18.79
N LEU A 264 -18.84 -2.08 17.59
CA LEU A 264 -17.75 -1.51 16.80
C LEU A 264 -18.04 -0.06 16.39
N TYR A 265 -19.22 0.18 15.83
CA TYR A 265 -19.54 1.46 15.22
C TYR A 265 -19.40 2.66 16.18
N PRO A 266 -19.98 2.61 17.37
CA PRO A 266 -19.79 3.73 18.30
C PRO A 266 -18.32 4.04 18.55
N ARG A 267 -17.46 3.03 18.54
CA ARG A 267 -16.03 3.29 18.72
C ARG A 267 -15.37 3.96 17.48
N LEU A 268 -15.76 3.50 16.30
CA LEU A 268 -15.28 4.09 15.07
C LEU A 268 -15.74 5.56 15.02
N LYS A 269 -17.03 5.78 15.27
CA LYS A 269 -17.58 7.13 15.32
C LYS A 269 -16.79 8.04 16.23
N SER A 270 -16.51 7.55 17.42
CA SER A 270 -15.88 8.33 18.47
C SER A 270 -14.45 8.71 18.09
N LEU A 271 -13.67 7.78 17.57
CA LEU A 271 -12.30 8.10 17.10
C LEU A 271 -12.31 9.09 15.92
N THR A 272 -13.33 8.97 15.06
CA THR A 272 -13.39 9.78 13.87
C THR A 272 -13.72 11.22 14.31
N LEU A 273 -14.68 11.36 15.22
CA LEU A 273 -15.06 12.67 15.75
C LEU A 273 -13.87 13.35 16.37
N LEU A 274 -13.05 12.57 17.09
CA LEU A 274 -11.85 13.09 17.71
C LEU A 274 -10.83 13.54 16.66
N ALA A 275 -10.68 12.76 15.58
CA ALA A 275 -9.76 13.12 14.48
C ALA A 275 -10.21 14.40 13.82
N ARG A 276 -11.54 14.57 13.70
CA ARG A 276 -12.10 15.78 13.18
C ARG A 276 -11.77 17.00 14.05
N GLN A 277 -11.84 16.86 15.38
CA GLN A 277 -11.52 17.97 16.30
C GLN A 277 -10.11 18.46 16.09
N TYR A 278 -9.18 17.56 15.77
CA TYR A 278 -7.78 17.99 15.54
C TYR A 278 -7.48 18.26 14.05
N ASP A 279 -8.50 18.03 13.21
CA ASP A 279 -8.37 18.12 11.74
C ASP A 279 -7.18 17.30 11.22
N ILE A 280 -7.16 16.01 11.58
CA ILE A 280 -6.25 15.04 10.99
C ILE A 280 -7.03 13.97 10.21
N GLY A 281 -6.42 13.47 9.14
CA GLY A 281 -6.89 12.30 8.44
C GLY A 281 -6.98 11.04 9.32
N ILE A 282 -8.09 10.32 9.17
CA ILE A 282 -8.29 9.01 9.81
C ILE A 282 -8.70 8.02 8.74
N ASN A 283 -7.82 7.04 8.52
CA ASN A 283 -7.92 6.04 7.47
C ASN A 283 -8.24 4.65 8.04
N ILE A 284 -9.25 4.02 7.50
CA ILE A 284 -9.62 2.67 7.84
C ILE A 284 -8.85 1.69 6.95
N ASP A 285 -7.88 0.96 7.52
CA ASP A 285 -7.14 -0.05 6.78
C ASP A 285 -8.07 -1.16 6.31
N ALA A 286 -7.75 -1.75 5.17
CA ALA A 286 -8.44 -2.91 4.61
C ALA A 286 -7.71 -4.20 5.04
N GLU A 287 -8.51 -5.21 5.39
CA GLU A 287 -7.97 -6.46 5.90
C GLU A 287 -8.49 -7.61 5.02
N GLU A 288 -8.96 -8.69 5.61
CA GLU A 288 -9.33 -9.89 4.86
C GLU A 288 -10.59 -9.60 4.04
N SER A 289 -10.75 -10.32 2.92
CA SER A 289 -11.80 -10.04 1.94
C SER A 289 -13.24 -10.29 2.45
N ASP A 290 -13.39 -11.19 3.42
CA ASP A 290 -14.71 -11.46 3.94
C ASP A 290 -15.14 -10.39 4.91
N ARG A 291 -14.27 -9.42 5.20
CA ARG A 291 -14.68 -8.25 5.99
C ARG A 291 -14.97 -7.00 5.14
N LEU A 292 -14.78 -7.06 3.84
CA LEU A 292 -15.06 -5.89 3.00
C LEU A 292 -16.46 -5.35 3.19
N GLU A 293 -17.43 -6.24 3.11
CA GLU A 293 -18.83 -5.85 3.12
C GLU A 293 -19.21 -5.08 4.40
N ILE A 294 -18.85 -5.64 5.54
CA ILE A 294 -19.14 -4.97 6.82
C ILE A 294 -18.40 -3.64 6.97
N SER A 295 -17.17 -3.56 6.44
CA SER A 295 -16.46 -2.29 6.47
C SER A 295 -17.19 -1.24 5.67
N LEU A 296 -17.85 -1.64 4.58
CA LEU A 296 -18.61 -0.70 3.77
C LEU A 296 -19.87 -0.22 4.51
N ASP A 297 -20.51 -1.11 5.27
CA ASP A 297 -21.67 -0.73 6.07
C ASP A 297 -21.29 0.26 7.13
N LEU A 298 -20.12 0.07 7.73
CA LEU A 298 -19.63 0.97 8.75
C LEU A 298 -19.29 2.35 8.18
N LEU A 299 -18.73 2.36 6.96
CA LEU A 299 -18.29 3.57 6.31
C LEU A 299 -19.51 4.39 5.89
N GLU A 300 -20.49 3.72 5.31
CA GLU A 300 -21.75 4.34 4.93
C GLU A 300 -22.37 5.12 6.07
N LYS A 301 -22.52 4.48 7.22
CA LYS A 301 -23.13 5.11 8.39
C LYS A 301 -22.29 6.31 8.84
N LEU A 302 -20.99 6.10 8.91
CA LEU A 302 -20.06 7.13 9.37
C LEU A 302 -20.19 8.39 8.53
N CYS A 303 -20.32 8.23 7.22
CA CYS A 303 -20.34 9.36 6.29
C CYS A 303 -21.57 10.23 6.44
N PHE A 304 -22.60 9.74 7.14
CA PHE A 304 -23.81 10.51 7.35
C PHE A 304 -23.97 11.05 8.78
N GLU A 305 -22.95 10.94 9.60
CA GLU A 305 -22.97 11.56 10.91
C GLU A 305 -23.02 13.10 10.77
N PRO A 306 -24.07 13.74 11.31
CA PRO A 306 -24.19 15.20 11.26
C PRO A 306 -22.93 15.92 11.74
N GLU A 307 -22.25 15.37 12.74
CA GLU A 307 -21.08 16.00 13.35
C GLU A 307 -19.86 15.98 12.42
N LEU A 308 -19.91 15.15 11.40
CA LEU A 308 -18.86 15.04 10.40
C LEU A 308 -19.22 15.74 9.08
N ALA A 309 -20.38 16.41 9.00
CA ALA A 309 -20.78 17.09 7.77
C ALA A 309 -19.78 18.20 7.36
N GLY A 310 -19.43 18.27 6.08
CA GLY A 310 -18.44 19.21 5.58
C GLY A 310 -16.96 18.89 5.87
N TRP A 311 -16.68 17.76 6.53
CA TRP A 311 -15.33 17.38 6.86
C TRP A 311 -14.90 16.22 5.95
N ASN A 312 -13.72 16.33 5.37
CA ASN A 312 -13.28 15.44 4.25
C ASN A 312 -12.10 14.60 4.71
N GLY A 313 -12.01 14.37 6.02
CA GLY A 313 -10.87 13.68 6.59
C GLY A 313 -11.00 12.20 6.75
N ILE A 314 -12.15 11.62 6.38
CA ILE A 314 -12.32 10.21 6.45
C ILE A 314 -11.59 9.51 5.31
N GLY A 315 -10.77 8.52 5.65
CA GLY A 315 -10.02 7.75 4.70
C GLY A 315 -10.40 6.30 4.70
N PHE A 316 -10.27 5.66 3.53
CA PHE A 316 -10.63 4.27 3.41
C PHE A 316 -9.70 3.61 2.40
N VAL A 317 -9.25 2.39 2.70
CA VAL A 317 -8.38 1.63 1.81
C VAL A 317 -9.19 0.72 0.94
N ILE A 318 -8.86 0.65 -0.36
CA ILE A 318 -9.33 -0.40 -1.26
C ILE A 318 -8.15 -1.17 -1.88
N GLN A 319 -8.34 -2.47 -2.04
CA GLN A 319 -7.31 -3.45 -2.44
C GLN A 319 -7.54 -3.86 -3.86
N ALA A 320 -6.67 -3.41 -4.75
CA ALA A 320 -6.79 -3.74 -6.19
C ALA A 320 -6.64 -5.22 -6.53
N TYR A 321 -6.10 -6.05 -5.62
CA TYR A 321 -6.05 -7.49 -5.96
C TYR A 321 -7.40 -8.19 -5.89
N GLN A 322 -8.42 -7.48 -5.44
CA GLN A 322 -9.78 -8.00 -5.37
C GLN A 322 -10.53 -7.76 -6.67
N LYS A 323 -11.25 -8.77 -7.11
CA LYS A 323 -12.12 -8.63 -8.25
C LYS A 323 -13.19 -7.55 -8.03
N ARG A 324 -13.58 -7.34 -6.79
CA ARG A 324 -14.58 -6.32 -6.47
C ARG A 324 -14.10 -4.87 -6.57
N CYS A 325 -12.80 -4.64 -6.61
CA CYS A 325 -12.25 -3.29 -6.41
C CYS A 325 -12.92 -2.19 -7.26
N PRO A 326 -13.02 -2.37 -8.58
CA PRO A 326 -13.64 -1.34 -9.42
C PRO A 326 -15.10 -1.06 -9.04
N LEU A 327 -15.84 -2.09 -8.60
CA LEU A 327 -17.24 -1.93 -8.20
C LEU A 327 -17.33 -1.22 -6.85
N VAL A 328 -16.34 -1.47 -5.99
CA VAL A 328 -16.23 -0.71 -4.78
C VAL A 328 -16.00 0.78 -5.07
N ILE A 329 -15.18 1.10 -6.07
CA ILE A 329 -14.95 2.48 -6.41
C ILE A 329 -16.26 3.15 -6.88
N ASP A 330 -17.07 2.44 -7.65
CA ASP A 330 -18.34 3.02 -8.10
C ASP A 330 -19.23 3.35 -6.91
N TYR A 331 -19.27 2.40 -5.96
CA TYR A 331 -19.94 2.63 -4.70
C TYR A 331 -19.37 3.84 -3.97
N LEU A 332 -18.06 4.00 -3.91
CA LEU A 332 -17.49 5.07 -3.11
C LEU A 332 -17.80 6.44 -3.73
N ILE A 333 -17.80 6.48 -5.05
CA ILE A 333 -18.07 7.71 -5.80
C ILE A 333 -19.51 8.17 -5.52
N ASP A 334 -20.43 7.22 -5.55
CA ASP A 334 -21.80 7.50 -5.17
C ASP A 334 -21.98 7.90 -3.71
N LEU A 335 -21.25 7.25 -2.81
CA LEU A 335 -21.25 7.60 -1.40
C LEU A 335 -20.76 9.01 -1.17
N ALA A 336 -19.67 9.38 -1.83
CA ALA A 336 -19.12 10.72 -1.68
C ALA A 336 -20.15 11.74 -2.18
N THR A 337 -20.87 11.37 -3.24
CA THR A 337 -21.91 12.24 -3.78
C THR A 337 -23.04 12.43 -2.79
N ARG A 338 -23.53 11.32 -2.24
CA ARG A 338 -24.73 11.34 -1.41
C ARG A 338 -24.44 11.96 -0.06
N SER A 339 -23.23 11.77 0.45
CA SER A 339 -22.88 12.28 1.76
C SER A 339 -22.15 13.63 1.64
N ARG A 340 -22.02 14.16 0.43
CA ARG A 340 -21.44 15.48 0.17
C ARG A 340 -20.06 15.71 0.78
N ARG A 341 -19.11 14.87 0.39
CA ARG A 341 -17.73 14.98 0.89
C ARG A 341 -16.78 14.46 -0.17
N ARG A 342 -15.52 14.78 0.03
CA ARG A 342 -14.40 14.19 -0.66
C ARG A 342 -13.82 13.12 0.25
N LEU A 343 -13.84 11.87 -0.21
CA LEU A 343 -13.20 10.76 0.53
C LEU A 343 -11.71 10.69 0.21
N MET A 344 -10.89 10.45 1.24
CA MET A 344 -9.47 10.11 1.06
C MET A 344 -9.37 8.62 0.80
N ILE A 345 -8.94 8.23 -0.40
CA ILE A 345 -9.01 6.80 -0.76
C ILE A 345 -7.62 6.28 -1.02
N ARG A 346 -7.19 5.32 -0.22
CA ARG A 346 -5.86 4.75 -0.39
C ARG A 346 -5.98 3.52 -1.26
N LEU A 347 -5.42 3.58 -2.46
CA LEU A 347 -5.46 2.42 -3.37
C LEU A 347 -4.18 1.64 -3.10
N VAL A 348 -4.36 0.36 -2.78
CA VAL A 348 -3.28 -0.58 -2.54
C VAL A 348 -3.48 -1.76 -3.39
N LYS A 349 -2.44 -2.57 -3.53
CA LYS A 349 -2.63 -3.82 -4.21
C LYS A 349 -3.24 -4.85 -3.22
N GLY A 350 -2.56 -5.14 -2.12
CA GLY A 350 -3.13 -5.92 -1.03
C GLY A 350 -2.06 -6.71 -0.28
N ALA A 351 -2.29 -6.95 1.01
CA ALA A 351 -1.26 -7.51 1.91
C ALA A 351 -1.50 -8.96 2.32
N TYR A 352 -2.66 -9.51 1.99
CA TYR A 352 -3.05 -10.80 2.53
C TYR A 352 -3.18 -11.89 1.46
N TRP A 353 -2.49 -11.74 0.32
CA TRP A 353 -2.72 -12.65 -0.79
C TRP A 353 -2.49 -14.13 -0.46
N ASP A 354 -1.37 -14.47 0.18
CA ASP A 354 -1.11 -15.89 0.46
C ASP A 354 -2.28 -16.51 1.24
N SER A 355 -2.74 -15.80 2.28
CA SER A 355 -3.90 -16.22 3.10
C SER A 355 -5.23 -16.25 2.37
N GLU A 356 -5.48 -15.28 1.50
CA GLU A 356 -6.71 -15.30 0.72
C GLU A 356 -6.82 -16.58 -0.16
N ILE A 357 -5.71 -16.98 -0.78
CA ILE A 357 -5.67 -18.14 -1.67
C ILE A 357 -5.95 -19.39 -0.82
N LYS A 358 -5.28 -19.50 0.32
CA LYS A 358 -5.41 -20.64 1.22
C LYS A 358 -6.84 -20.73 1.73
N ARG A 359 -7.37 -19.60 2.16
CA ARG A 359 -8.75 -19.51 2.63
C ARG A 359 -9.76 -20.02 1.58
N ALA A 360 -9.61 -19.52 0.35
CA ALA A 360 -10.51 -19.90 -0.73
C ALA A 360 -10.37 -21.39 -1.08
N GLN A 361 -9.17 -21.92 -0.89
CA GLN A 361 -8.89 -23.31 -1.25
C GLN A 361 -9.48 -24.27 -0.21
N MET A 362 -9.56 -23.81 1.03
CA MET A 362 -10.18 -24.58 2.12
C MET A 362 -11.70 -24.53 2.09
N ASP A 363 -12.28 -23.41 1.67
CA ASP A 363 -13.75 -23.33 1.62
C ASP A 363 -14.36 -23.97 0.37
N GLY A 364 -13.53 -24.46 -0.56
CA GLY A 364 -14.01 -25.08 -1.78
C GLY A 364 -15.10 -24.34 -2.56
N LEU A 365 -14.99 -23.01 -2.65
CA LEU A 365 -16.01 -22.21 -3.33
C LEU A 365 -15.74 -22.12 -4.83
N GLU A 366 -16.60 -21.41 -5.55
CA GLU A 366 -16.57 -21.39 -7.02
C GLU A 366 -15.34 -20.66 -7.63
N GLY A 367 -14.60 -19.89 -6.81
CA GLY A 367 -13.51 -19.09 -7.33
C GLY A 367 -12.77 -18.30 -6.26
N TYR A 368 -11.83 -17.47 -6.69
CA TYR A 368 -11.07 -16.67 -5.72
C TYR A 368 -11.63 -15.24 -5.72
N PRO A 369 -11.64 -14.61 -4.57
CA PRO A 369 -11.96 -13.18 -4.50
C PRO A 369 -10.77 -12.28 -4.91
N VAL A 370 -9.59 -12.86 -5.10
CA VAL A 370 -8.44 -12.15 -5.60
C VAL A 370 -7.94 -12.79 -6.90
N TYR A 371 -7.14 -12.04 -7.65
CA TYR A 371 -6.48 -12.54 -8.85
C TYR A 371 -5.41 -13.54 -8.40
N THR A 372 -4.99 -14.42 -9.34
CA THR A 372 -4.01 -15.45 -9.07
C THR A 372 -2.69 -15.22 -9.78
N ARG A 373 -2.66 -14.32 -10.78
CA ARG A 373 -1.40 -13.83 -11.32
C ARG A 373 -1.15 -12.39 -10.92
N LYS A 374 0.09 -12.11 -10.53
CA LYS A 374 0.44 -10.80 -10.00
C LYS A 374 0.21 -9.70 -11.05
N VAL A 375 0.54 -10.00 -12.31
CA VAL A 375 0.34 -9.03 -13.36
C VAL A 375 -1.12 -8.55 -13.48
N TYR A 376 -2.09 -9.40 -13.11
CA TYR A 376 -3.50 -9.02 -13.16
C TYR A 376 -3.83 -8.00 -12.07
N THR A 377 -3.18 -8.16 -10.92
CA THR A 377 -3.31 -7.19 -9.85
C THR A 377 -2.74 -5.87 -10.32
N ASP A 378 -1.59 -5.88 -11.00
CA ASP A 378 -1.03 -4.65 -11.56
C ASP A 378 -2.00 -3.97 -12.53
N VAL A 379 -2.68 -4.75 -13.38
CA VAL A 379 -3.66 -4.22 -14.32
C VAL A 379 -4.89 -3.64 -13.61
N SER A 380 -5.37 -4.34 -12.59
CA SER A 380 -6.47 -3.83 -11.80
C SER A 380 -6.12 -2.49 -11.11
N TYR A 381 -4.91 -2.41 -10.59
CA TYR A 381 -4.50 -1.19 -9.92
C TYR A 381 -4.49 0.02 -10.87
N LEU A 382 -4.04 -0.17 -12.11
CA LEU A 382 -4.03 0.90 -13.09
C LEU A 382 -5.40 1.32 -13.52
N ALA A 383 -6.27 0.35 -13.79
CA ALA A 383 -7.64 0.66 -14.11
C ALA A 383 -8.34 1.43 -12.98
N CYS A 384 -8.15 0.99 -11.74
CA CYS A 384 -8.75 1.61 -10.59
C CYS A 384 -8.18 3.01 -10.38
N ALA A 385 -6.87 3.20 -10.59
CA ALA A 385 -6.27 4.50 -10.50
C ALA A 385 -6.92 5.54 -11.45
N LYS A 386 -7.19 5.13 -12.69
CA LYS A 386 -7.86 5.99 -13.67
C LYS A 386 -9.24 6.41 -13.20
N LYS A 387 -10.04 5.44 -12.72
CA LYS A 387 -11.34 5.74 -12.14
C LYS A 387 -11.26 6.75 -11.00
N LEU A 388 -10.29 6.57 -10.13
CA LEU A 388 -10.17 7.48 -9.00
C LEU A 388 -9.79 8.90 -9.44
N LEU A 389 -8.83 9.01 -10.34
CA LEU A 389 -8.28 10.29 -10.81
C LEU A 389 -9.33 11.07 -11.62
N ALA A 390 -10.35 10.38 -12.13
CA ALA A 390 -11.41 11.01 -12.92
C ALA A 390 -12.39 11.88 -12.11
N VAL A 391 -12.42 11.71 -10.80
CA VAL A 391 -13.39 12.39 -9.96
C VAL A 391 -12.73 13.14 -8.77
N PRO A 392 -11.88 14.14 -9.05
CA PRO A 392 -11.19 14.89 -8.01
C PRO A 392 -12.06 15.65 -7.05
N ASN A 393 -13.28 15.95 -7.41
CA ASN A 393 -14.22 16.56 -6.48
C ASN A 393 -14.72 15.60 -5.37
N LEU A 394 -14.70 14.29 -5.67
CA LEU A 394 -15.24 13.26 -4.82
C LEU A 394 -14.18 12.47 -4.07
N ILE A 395 -12.98 12.39 -4.63
CA ILE A 395 -11.96 11.47 -4.13
C ILE A 395 -10.60 12.16 -4.16
N TYR A 396 -9.90 12.08 -3.03
CA TYR A 396 -8.49 12.34 -2.96
C TYR A 396 -7.75 11.01 -2.96
N PRO A 397 -7.12 10.68 -4.08
CA PRO A 397 -6.47 9.39 -4.20
C PRO A 397 -5.09 9.36 -3.56
N GLN A 398 -4.83 8.27 -2.86
CA GLN A 398 -3.58 8.07 -2.17
C GLN A 398 -2.99 6.77 -2.71
N PHE A 399 -1.99 6.91 -3.56
CA PHE A 399 -1.49 5.79 -4.34
C PHE A 399 -0.32 5.15 -3.63
N ALA A 400 -0.63 4.10 -2.90
CA ALA A 400 0.30 3.30 -2.18
C ALA A 400 1.00 2.27 -3.05
N THR A 401 2.32 2.41 -3.19
CA THR A 401 3.10 1.45 -3.98
C THR A 401 4.58 1.71 -3.82
N HIS A 402 5.38 0.64 -3.94
CA HIS A 402 6.83 0.73 -4.01
C HIS A 402 7.33 0.33 -5.36
N ASN A 403 6.42 0.16 -6.32
CA ASN A 403 6.76 -0.28 -7.66
C ASN A 403 6.95 0.94 -8.54
N ALA A 404 8.14 1.03 -9.13
CA ALA A 404 8.52 2.18 -9.92
C ALA A 404 7.67 2.36 -11.15
N HIS A 405 7.24 1.26 -11.78
CA HIS A 405 6.39 1.39 -12.93
C HIS A 405 5.03 1.94 -12.50
N THR A 406 4.47 1.36 -11.45
CA THR A 406 3.18 1.77 -10.91
C THR A 406 3.18 3.24 -10.57
N LEU A 407 4.25 3.67 -9.90
CA LEU A 407 4.42 5.04 -9.53
C LEU A 407 4.46 5.86 -10.81
N ALA A 408 5.29 5.46 -11.77
CA ALA A 408 5.48 6.27 -12.97
C ALA A 408 4.18 6.38 -13.78
N ALA A 409 3.43 5.30 -13.79
CA ALA A 409 2.22 5.27 -14.61
C ALA A 409 1.15 6.22 -14.00
N ILE A 410 1.08 6.22 -12.67
CA ILE A 410 0.16 7.10 -11.92
C ILE A 410 0.54 8.56 -12.17
N TYR A 411 1.84 8.85 -12.07
CA TYR A 411 2.36 10.17 -12.31
C TYR A 411 1.91 10.66 -13.70
N GLN A 412 1.99 9.82 -14.72
CA GLN A 412 1.57 10.21 -16.07
C GLN A 412 0.04 10.30 -16.21
N LEU A 413 -0.67 9.36 -15.61
CA LEU A 413 -2.14 9.28 -15.73
C LEU A 413 -2.84 10.44 -15.04
N ALA A 414 -2.20 11.03 -14.04
CA ALA A 414 -2.76 12.15 -13.28
C ALA A 414 -2.80 13.43 -14.13
N GLY A 415 -2.01 13.40 -15.22
CA GLY A 415 -2.04 14.44 -16.24
C GLY A 415 -1.20 15.65 -15.94
N GLN A 416 -1.40 16.63 -16.80
CA GLN A 416 -0.68 17.90 -16.67
C GLN A 416 -1.36 18.71 -15.58
N ASN A 417 -0.65 19.68 -15.07
CA ASN A 417 -1.22 20.62 -14.13
C ASN A 417 -1.57 19.98 -12.81
N TYR A 418 -0.58 19.27 -12.29
CA TYR A 418 -0.60 18.83 -10.91
C TYR A 418 -0.83 20.00 -9.95
N TYR A 419 -1.57 19.77 -8.87
CA TYR A 419 -1.73 20.67 -7.72
C TYR A 419 -1.71 19.79 -6.47
N PRO A 420 -1.12 20.26 -5.38
CA PRO A 420 -0.88 19.38 -4.21
C PRO A 420 -2.04 18.46 -3.78
N GLY A 421 -3.22 19.07 -3.78
CA GLY A 421 -4.44 18.42 -3.38
C GLY A 421 -5.05 17.53 -4.43
N GLN A 422 -4.36 17.28 -5.55
CA GLN A 422 -4.88 16.35 -6.55
C GLN A 422 -4.76 14.92 -6.07
N TYR A 423 -3.59 14.54 -5.52
CA TYR A 423 -3.33 13.16 -5.08
C TYR A 423 -1.97 13.15 -4.35
N GLU A 424 -1.67 12.07 -3.66
CA GLU A 424 -0.34 11.86 -3.10
C GLU A 424 -0.02 10.40 -3.34
N PHE A 425 1.24 10.06 -3.13
CA PHE A 425 1.69 8.72 -3.07
C PHE A 425 1.80 8.34 -1.61
N GLN A 426 1.92 7.04 -1.35
CA GLN A 426 2.19 6.52 -0.01
C GLN A 426 3.16 5.34 -0.06
N CYS A 427 3.82 5.09 1.05
CA CYS A 427 4.82 4.03 1.11
C CYS A 427 4.91 3.50 2.52
N LEU A 428 5.48 2.33 2.71
CA LEU A 428 5.60 1.77 4.08
C LEU A 428 6.95 2.13 4.54
N HIS A 429 7.03 2.48 5.82
CA HIS A 429 8.32 2.80 6.44
C HIS A 429 9.23 1.58 6.30
N GLY A 430 10.51 1.84 5.98
CA GLY A 430 11.51 0.81 5.80
C GLY A 430 11.51 0.16 4.42
N MET A 431 10.61 0.56 3.54
CA MET A 431 10.53 0.01 2.19
C MET A 431 10.54 1.07 1.11
N GLY A 432 9.90 2.21 1.34
CA GLY A 432 9.65 3.14 0.25
C GLY A 432 10.63 4.30 0.19
N GLU A 433 11.28 4.60 1.31
CA GLU A 433 12.05 5.85 1.38
C GLU A 433 13.04 6.01 0.21
N PRO A 434 13.83 4.99 -0.15
CA PRO A 434 14.75 5.12 -1.29
C PRO A 434 14.08 5.44 -2.62
N LEU A 435 12.93 4.87 -2.91
CA LEU A 435 12.25 5.20 -4.16
C LEU A 435 11.72 6.62 -4.09
N TYR A 436 11.11 6.98 -2.99
CA TYR A 436 10.45 8.27 -2.90
C TYR A 436 11.41 9.45 -2.59
N GLU A 437 12.68 9.18 -2.29
CA GLU A 437 13.64 10.27 -2.21
C GLU A 437 13.91 10.84 -3.61
N GLN A 438 13.59 10.08 -4.66
CA GLN A 438 13.61 10.60 -6.04
C GLN A 438 12.32 11.34 -6.41
N VAL A 439 11.31 11.25 -5.55
CA VAL A 439 9.99 11.75 -5.86
C VAL A 439 9.53 12.99 -5.07
N THR A 440 9.42 12.88 -3.77
CA THR A 440 9.04 13.99 -2.95
C THR A 440 10.23 14.96 -2.88
N GLY A 441 9.99 16.25 -3.10
CA GLY A 441 11.03 17.27 -3.01
C GLY A 441 11.06 18.13 -4.24
N LYS A 442 12.04 19.02 -4.33
CA LYS A 442 12.07 20.07 -5.37
C LYS A 442 12.50 19.53 -6.74
N VAL A 443 11.87 20.06 -7.80
CA VAL A 443 12.25 19.75 -9.17
C VAL A 443 13.73 20.16 -9.44
N ALA A 444 14.17 21.28 -8.84
CA ALA A 444 15.52 21.78 -8.99
C ALA A 444 16.55 20.90 -8.29
N ASP A 445 16.10 20.01 -7.39
CA ASP A 445 16.95 18.99 -6.79
C ASP A 445 16.85 17.64 -7.51
N GLY A 446 16.31 17.67 -8.73
CA GLY A 446 16.12 16.46 -9.51
C GLY A 446 15.00 15.57 -8.98
N LYS A 447 14.03 16.13 -8.28
CA LYS A 447 12.88 15.33 -7.76
C LYS A 447 11.63 15.58 -8.61
N LEU A 448 10.57 14.84 -8.34
CA LEU A 448 9.33 14.96 -9.12
C LEU A 448 8.36 16.01 -8.52
N ASN A 449 8.63 16.43 -7.28
CA ASN A 449 7.74 17.29 -6.51
C ASN A 449 6.32 16.70 -6.35
N ARG A 450 6.27 15.47 -5.91
CA ARG A 450 5.03 14.86 -5.50
C ARG A 450 5.18 14.36 -4.09
N PRO A 451 4.20 14.70 -3.25
CA PRO A 451 4.18 14.31 -1.85
C PRO A 451 3.95 12.80 -1.67
N CYS A 452 4.58 12.25 -0.65
CA CYS A 452 4.47 10.86 -0.27
C CYS A 452 4.21 10.78 1.20
N ARG A 453 3.21 9.99 1.60
CA ARG A 453 2.87 9.77 3.01
C ARG A 453 3.37 8.41 3.45
N ILE A 454 4.26 8.41 4.45
CA ILE A 454 4.90 7.22 4.91
C ILE A 454 3.98 6.62 5.96
N TYR A 455 3.64 5.34 5.77
CA TYR A 455 2.92 4.57 6.76
C TYR A 455 3.91 4.11 7.88
N ALA A 456 3.63 4.50 9.11
CA ALA A 456 4.60 4.42 10.23
C ALA A 456 4.04 3.60 11.36
N PRO A 457 4.36 2.31 11.39
CA PRO A 457 3.95 1.44 12.50
C PRO A 457 4.60 1.85 13.81
N VAL A 458 3.78 1.87 14.85
CA VAL A 458 4.22 2.22 16.19
C VAL A 458 3.84 1.12 17.17
N GLY A 459 4.83 0.60 17.89
CA GLY A 459 4.59 -0.31 19.01
C GLY A 459 5.81 -1.12 19.42
N THR A 460 5.68 -1.84 20.53
CA THR A 460 6.75 -2.72 21.02
C THR A 460 6.72 -4.09 20.33
N HIS A 461 7.71 -4.93 20.66
CA HIS A 461 7.87 -6.27 20.07
C HIS A 461 6.64 -7.17 20.17
N GLU A 462 5.79 -6.98 21.16
CA GLU A 462 4.59 -7.83 21.33
C GLU A 462 3.42 -7.51 20.37
N THR A 463 3.53 -6.46 19.56
CA THR A 463 2.47 -6.09 18.60
C THR A 463 2.93 -6.21 17.15
N LEU A 464 4.13 -6.74 16.96
CA LEU A 464 4.76 -6.69 15.64
C LEU A 464 4.49 -7.90 14.74
N LEU A 465 4.16 -9.05 15.34
CA LEU A 465 4.26 -10.34 14.62
C LEU A 465 3.55 -10.34 13.26
N ALA A 466 2.25 -10.12 13.26
CA ALA A 466 1.45 -10.28 12.05
C ALA A 466 1.88 -9.35 10.90
N TYR A 467 2.14 -8.10 11.25
CA TYR A 467 2.62 -7.08 10.33
C TYR A 467 3.96 -7.56 9.75
N LEU A 468 4.87 -8.04 10.60
CA LEU A 468 6.21 -8.48 10.10
C LEU A 468 6.08 -9.62 9.11
N VAL A 469 5.24 -10.59 9.44
CA VAL A 469 5.04 -11.75 8.59
C VAL A 469 4.56 -11.28 7.20
N ARG A 470 3.63 -10.34 7.19
CA ARG A 470 3.14 -9.80 5.92
C ARG A 470 4.23 -9.11 5.12
N ARG A 471 5.11 -8.39 5.81
CA ARG A 471 6.28 -7.78 5.17
C ARG A 471 7.26 -8.83 4.64
N LEU A 472 7.44 -9.94 5.35
CA LEU A 472 8.36 -10.96 4.84
C LEU A 472 7.82 -11.58 3.58
N LEU A 473 6.52 -11.84 3.54
CA LEU A 473 5.90 -12.36 2.35
C LEU A 473 6.07 -11.39 1.18
N GLU A 474 5.89 -10.10 1.46
CA GLU A 474 5.95 -9.09 0.42
C GLU A 474 7.39 -8.96 -0.11
N ASN A 475 8.35 -8.89 0.79
CA ASN A 475 9.76 -8.70 0.39
C ASN A 475 10.40 -9.93 -0.23
N GLY A 476 9.95 -11.10 0.17
CA GLY A 476 10.52 -12.37 -0.29
C GLY A 476 9.83 -13.03 -1.48
N ALA A 477 8.71 -12.49 -1.96
CA ALA A 477 8.04 -13.08 -3.12
C ALA A 477 8.81 -12.70 -4.35
N ASN A 478 9.05 -13.69 -5.21
CA ASN A 478 9.85 -13.43 -6.41
C ASN A 478 9.07 -12.62 -7.49
N THR A 479 7.75 -12.50 -7.32
CA THR A 479 6.94 -11.59 -8.13
C THR A 479 6.94 -10.14 -7.65
N SER A 480 7.40 -9.90 -6.43
CA SER A 480 7.44 -8.53 -5.90
C SER A 480 8.52 -7.72 -6.59
N PHE A 481 8.16 -6.48 -6.99
CA PHE A 481 9.09 -5.46 -7.46
C PHE A 481 10.31 -5.29 -6.55
N VAL A 482 10.07 -5.24 -5.24
CA VAL A 482 11.16 -4.98 -4.31
C VAL A 482 12.11 -6.18 -4.26
N ASN A 483 11.63 -7.36 -4.62
CA ASN A 483 12.48 -8.54 -4.77
C ASN A 483 13.21 -8.56 -6.11
N ARG A 484 12.48 -8.29 -7.19
CA ARG A 484 13.04 -8.33 -8.52
C ARG A 484 14.08 -7.24 -8.78
N ILE A 485 13.92 -6.07 -8.15
CA ILE A 485 14.88 -4.95 -8.31
C ILE A 485 16.28 -5.35 -7.81
N ALA A 486 16.32 -6.10 -6.72
CA ALA A 486 17.57 -6.55 -6.13
C ALA A 486 18.19 -7.72 -6.89
N ASP A 487 17.54 -8.15 -7.97
CA ASP A 487 17.99 -9.27 -8.81
C ASP A 487 18.73 -8.70 -10.02
N THR A 488 20.06 -8.74 -9.96
CA THR A 488 20.93 -8.09 -10.95
C THR A 488 20.76 -8.66 -12.36
N SER A 489 20.37 -9.93 -12.43
CA SER A 489 20.20 -10.67 -13.68
C SER A 489 19.01 -10.21 -14.49
N LEU A 490 17.93 -9.80 -13.80
CA LEU A 490 16.71 -9.34 -14.46
C LEU A 490 16.90 -7.94 -15.00
N PRO A 491 16.85 -7.75 -16.31
CA PRO A 491 17.11 -6.41 -16.88
C PRO A 491 16.00 -5.43 -16.51
N LEU A 492 16.36 -4.14 -16.42
CA LEU A 492 15.43 -3.09 -16.04
C LEU A 492 14.17 -3.09 -16.90
N ASP A 493 14.31 -3.30 -18.21
CA ASP A 493 13.16 -3.24 -19.09
C ASP A 493 12.11 -4.29 -18.77
N GLU A 494 12.51 -5.46 -18.30
CA GLU A 494 11.57 -6.50 -17.85
C GLU A 494 10.94 -6.15 -16.50
N LEU A 495 11.75 -5.60 -15.60
CA LEU A 495 11.32 -5.16 -14.27
C LEU A 495 10.20 -4.10 -14.33
N VAL A 496 10.33 -3.12 -15.23
CA VAL A 496 9.33 -2.06 -15.39
C VAL A 496 8.38 -2.30 -16.57
N ALA A 497 8.27 -3.52 -17.03
CA ALA A 497 7.40 -3.87 -18.16
C ALA A 497 5.95 -3.47 -17.91
N ASP A 498 5.32 -2.91 -18.93
CA ASP A 498 3.94 -2.50 -18.82
C ASP A 498 3.05 -3.74 -18.60
N PRO A 499 2.26 -3.72 -17.53
CA PRO A 499 1.39 -4.86 -17.21
C PRO A 499 0.34 -5.20 -18.23
N VAL A 500 -0.26 -4.21 -18.88
CA VAL A 500 -1.29 -4.49 -19.90
C VAL A 500 -0.66 -5.28 -21.07
N THR A 501 0.53 -4.86 -21.48
CA THR A 501 1.26 -5.51 -22.56
C THR A 501 1.62 -6.94 -22.15
N ALA A 502 1.99 -7.11 -20.89
CA ALA A 502 2.32 -8.43 -20.37
C ALA A 502 1.13 -9.36 -20.40
N VAL A 503 -0.06 -8.84 -20.09
CA VAL A 503 -1.29 -9.64 -20.13
C VAL A 503 -1.66 -10.02 -21.55
N GLU A 504 -1.46 -9.08 -22.47
CA GLU A 504 -1.72 -9.33 -23.89
C GLU A 504 -0.74 -10.35 -24.46
N LYS A 505 0.51 -10.30 -24.01
CA LYS A 505 1.56 -11.25 -24.39
C LYS A 505 1.20 -12.65 -23.92
N LEU A 506 0.88 -12.80 -22.63
CA LEU A 506 0.35 -14.07 -22.12
C LEU A 506 -0.89 -14.56 -22.87
N ALA A 507 -1.78 -13.66 -23.27
CA ALA A 507 -3.03 -14.06 -23.93
C ALA A 507 -2.80 -14.61 -25.34
N GLN A 508 -1.78 -14.10 -26.03
CA GLN A 508 -1.42 -14.61 -27.36
C GLN A 508 -0.70 -15.96 -27.20
N GLN A 509 0.14 -16.09 -26.19
CA GLN A 509 0.83 -17.35 -25.94
C GLN A 509 -0.15 -18.45 -25.51
N GLU A 510 -1.10 -18.12 -24.62
CA GLU A 510 -1.94 -19.17 -24.02
C GLU A 510 -3.30 -19.40 -24.69
N GLY A 511 -3.73 -18.48 -25.55
CA GLY A 511 -4.94 -18.68 -26.33
C GLY A 511 -6.19 -18.01 -25.79
N GLN A 512 -6.07 -17.33 -24.64
CA GLN A 512 -7.18 -16.63 -24.01
C GLN A 512 -6.64 -15.57 -23.01
N THR A 513 -7.35 -14.45 -22.88
CA THR A 513 -6.99 -13.39 -21.92
C THR A 513 -7.38 -13.72 -20.47
N GLY A 514 -6.48 -13.47 -19.53
CA GLY A 514 -6.82 -13.58 -18.12
C GLY A 514 -6.98 -14.98 -17.55
N LEU A 515 -6.29 -15.96 -18.12
CA LEU A 515 -6.28 -17.29 -17.56
C LEU A 515 -5.63 -17.28 -16.19
N PRO A 516 -6.18 -18.06 -15.26
CA PRO A 516 -5.60 -18.16 -13.92
C PRO A 516 -4.18 -18.68 -13.95
N HIS A 517 -3.45 -18.41 -12.89
CA HIS A 517 -2.14 -18.99 -12.70
C HIS A 517 -2.20 -20.53 -12.90
N PRO A 518 -1.32 -21.08 -13.73
CA PRO A 518 -1.31 -22.53 -13.99
C PRO A 518 -1.08 -23.37 -12.73
N LYS A 519 -0.41 -22.85 -11.71
CA LYS A 519 -0.24 -23.59 -10.46
C LYS A 519 -1.35 -23.35 -9.43
N ILE A 520 -2.35 -22.53 -9.76
CA ILE A 520 -3.46 -22.25 -8.84
C ILE A 520 -4.79 -22.55 -9.50
N PRO A 521 -5.15 -23.84 -9.54
CA PRO A 521 -6.46 -24.24 -10.07
C PRO A 521 -7.57 -23.75 -9.14
N LEU A 522 -8.80 -23.79 -9.64
CA LEU A 522 -9.95 -23.39 -8.85
C LEU A 522 -9.97 -24.25 -7.60
N PRO A 523 -10.58 -23.77 -6.52
CA PRO A 523 -10.71 -24.59 -5.29
C PRO A 523 -11.33 -25.97 -5.52
N ARG A 524 -12.46 -26.02 -6.23
CA ARG A 524 -13.14 -27.31 -6.54
C ARG A 524 -12.29 -28.29 -7.37
N ASP A 525 -11.29 -27.79 -8.08
CA ASP A 525 -10.23 -28.61 -8.66
C ASP A 525 -9.06 -28.61 -7.67
#